data_4KR5
#
_entry.id   4KR5
#
_cell.length_a   88.691
_cell.length_b   89.123
_cell.length_c   59.477
_cell.angle_alpha   90.00
_cell.angle_beta   95.58
_cell.angle_gamma   90.00
#
_symmetry.space_group_name_H-M   'C 1 2 1'
#
loop_
_entity.id
_entity.type
_entity.pdbx_description
1 polymer 'Glutamine ABC transporter permease and substrate binding protein protein'
2 non-polymer 'MAGNESIUM ION'
3 non-polymer 'CHLORIDE ION'
4 non-polymer DI(HYDROXYETHYL)ETHER
5 non-polymer 'HEXAETHYLENE GLYCOL'
6 non-polymer 2-(2-METHOXYETHOXY)ETHANOL
7 non-polymer 2-{2-[2-(2-{2-[2-(2-ETHOXY-ETHOXY)-ETHOXY]-ETHOXY}-ETHOXY)-ETHOXY]-ETHOXY}-ETHANOL
8 non-polymer 3,6,9,12,15,18-HEXAOXAICOSANE-1,20-DIOL
9 water water
#
_entity_poly.entity_id   1
_entity_poly.type   'polypeptide(L)'
_entity_poly.pdbx_seq_one_letter_code
;GMATPKKDVYTIASDNSFAPFEFQNDDKQFTGIDVDLLNAIAKNQGFKLKWNFIGFQAAVDSVQSGHADGMMSGMSITDA
RKQVFDYGSPYYSSNLTIATSSTDDSIKSWKDLKGKTLGAKNGTASFDYLNAHAKEYGYTVKTFTDATTMYSSLNNGSIN
ALMDDEPVIKYAIKQGQKFATPIKPIPDGQYGFAVKKGSNPELIEMFNNGLANLRANGEYDKIIDKYLESDA
;
_entity_poly.pdbx_strand_id   A,B
#
loop_
_chem_comp.id
_chem_comp.type
_chem_comp.name
_chem_comp.formula
CL non-polymer 'CHLORIDE ION' 'Cl -1'
MG non-polymer 'MAGNESIUM ION' 'Mg 2'
P33 non-polymer 3,6,9,12,15,18-HEXAOXAICOSANE-1,20-DIOL 'C14 H30 O8'
P6G non-polymer 'HEXAETHYLENE GLYCOL' 'C12 H26 O7'
PE4 non-polymer 2-{2-[2-(2-{2-[2-(2-ETHOXY-ETHOXY)-ETHOXY]-ETHOXY}-ETHOXY)-ETHOXY]-ETHOXY}-ETHANOL 'C16 H34 O8'
PEG non-polymer DI(HYDROXYETHYL)ETHER 'C4 H10 O3'
PG0 non-polymer 2-(2-METHOXYETHOXY)ETHANOL 'C5 H12 O3'
#
# COMPACT_ATOMS: atom_id res chain seq x y z
N GLY A 1 -14.92 25.82 15.89
CA GLY A 1 -16.34 25.57 15.76
C GLY A 1 -16.72 24.21 16.29
N MET A 2 -17.77 24.15 17.10
N MET A 2 -17.77 24.16 17.11
CA MET A 2 -18.20 22.90 17.75
CA MET A 2 -18.20 22.91 17.74
C MET A 2 -18.52 21.81 16.73
C MET A 2 -18.49 21.81 16.72
N ALA A 3 -17.96 20.63 16.97
CA ALA A 3 -18.19 19.48 16.12
C ALA A 3 -19.27 18.65 16.78
N THR A 4 -20.31 18.33 16.02
CA THR A 4 -21.37 17.47 16.50
C THR A 4 -21.48 16.26 15.61
N PRO A 5 -21.46 15.04 16.18
CA PRO A 5 -21.58 13.86 15.33
C PRO A 5 -22.98 13.68 14.74
N LYS A 6 -23.03 13.22 13.49
CA LYS A 6 -24.30 12.99 12.79
C LYS A 6 -24.56 11.50 12.57
N LYS A 7 -23.55 10.67 12.88
CA LYS A 7 -23.67 9.21 12.84
C LYS A 7 -23.29 8.64 14.19
N ASP A 8 -23.82 7.48 14.56
CA ASP A 8 -23.40 6.84 15.80
C ASP A 8 -21.98 6.29 15.73
N VAL A 9 -21.53 5.99 14.52
CA VAL A 9 -20.14 5.58 14.33
C VAL A 9 -19.69 6.00 12.94
N TYR A 10 -18.44 6.47 12.87
CA TYR A 10 -17.80 6.80 11.62
C TYR A 10 -16.77 5.73 11.30
N THR A 11 -16.71 5.36 10.02
CA THR A 11 -15.78 4.35 9.54
CA THR A 11 -15.80 4.35 9.53
C THR A 11 -14.49 5.00 9.04
N ILE A 12 -13.37 4.47 9.50
CA ILE A 12 -12.05 4.96 9.12
C ILE A 12 -11.29 3.84 8.42
N ALA A 13 -10.76 4.13 7.24
CA ALA A 13 -9.93 3.18 6.50
C ALA A 13 -8.45 3.55 6.63
N SER A 14 -7.61 2.53 6.70
CA SER A 14 -6.20 2.70 6.94
C SER A 14 -5.42 1.54 6.30
N ASP A 15 -4.11 1.70 6.22
CA ASP A 15 -3.23 0.65 5.73
C ASP A 15 -3.19 -0.51 6.71
N ASN A 16 -2.86 -1.70 6.23
CA ASN A 16 -2.72 -2.85 7.09
C ASN A 16 -1.32 -3.00 7.67
N SER A 17 -0.31 -2.33 7.11
CA SER A 17 1.07 -2.51 7.57
C SER A 17 1.98 -1.34 7.25
N PHE A 18 1.94 -0.33 8.12
CA PHE A 18 2.82 0.82 7.99
C PHE A 18 3.29 1.24 9.37
N ALA A 19 4.11 0.41 10.01
CA ALA A 19 4.61 0.73 11.33
C ALA A 19 5.54 1.92 11.27
N PRO A 20 5.52 2.77 12.29
CA PRO A 20 4.79 2.67 13.58
C PRO A 20 3.41 3.38 13.59
N PHE A 21 2.86 3.68 12.40
CA PHE A 21 1.60 4.42 12.33
C PHE A 21 0.35 3.53 12.42
N GLU A 22 0.33 2.42 11.69
CA GLU A 22 -0.74 1.41 11.83
C GLU A 22 -0.07 0.05 11.59
N PHE A 23 -0.24 -0.86 12.54
CA PHE A 23 0.37 -2.18 12.44
C PHE A 23 -0.24 -3.12 13.47
N GLN A 24 0.02 -4.41 13.32
CA GLN A 24 -0.44 -5.38 14.31
C GLN A 24 0.64 -5.74 15.32
N ASN A 25 0.24 -5.80 16.59
CA ASN A 25 1.12 -6.29 17.64
C ASN A 25 1.11 -7.83 17.65
N ASP A 26 1.89 -8.45 18.53
CA ASP A 26 2.00 -9.91 18.59
C ASP A 26 0.67 -10.57 18.89
N ASP A 27 -0.26 -9.82 19.48
CA ASP A 27 -1.59 -10.33 19.77
C ASP A 27 -2.52 -10.11 18.57
N LYS A 28 -1.97 -9.68 17.45
CA LYS A 28 -2.72 -9.46 16.22
C LYS A 28 -3.77 -8.35 16.32
N GLN A 29 -3.63 -7.47 17.30
CA GLN A 29 -4.49 -6.29 17.38
C GLN A 29 -3.82 -5.13 16.67
N PHE A 30 -4.63 -4.32 15.99
CA PHE A 30 -4.09 -3.14 15.33
C PHE A 30 -3.82 -2.04 16.33
N THR A 31 -2.68 -1.39 16.15
CA THR A 31 -2.17 -0.38 17.07
C THR A 31 -1.30 0.58 16.26
N GLY A 32 -0.66 1.53 16.95
CA GLY A 32 0.22 2.51 16.31
C GLY A 32 -0.17 3.96 16.53
N ILE A 33 0.68 4.87 16.07
CA ILE A 33 0.46 6.30 16.25
C ILE A 33 -0.88 6.76 15.69
N ASP A 34 -1.20 6.39 14.46
CA ASP A 34 -2.45 6.84 13.87
C ASP A 34 -3.66 6.33 14.64
N VAL A 35 -3.60 5.07 15.03
CA VAL A 35 -4.71 4.44 15.71
C VAL A 35 -4.93 5.15 17.05
N ASP A 36 -3.86 5.28 17.84
CA ASP A 36 -4.02 5.86 19.17
C ASP A 36 -4.38 7.33 19.09
N LEU A 37 -3.75 8.05 18.15
CA LEU A 37 -4.02 9.46 18.03
C LEU A 37 -5.46 9.75 17.56
N LEU A 38 -5.94 9.11 16.50
CA LEU A 38 -7.30 9.42 16.08
C LEU A 38 -8.33 8.90 17.07
N ASN A 39 -8.08 7.76 17.69
CA ASN A 39 -9.00 7.29 18.75
C ASN A 39 -9.11 8.31 19.87
N ALA A 40 -7.99 8.91 20.24
CA ALA A 40 -7.97 9.84 21.38
C ALA A 40 -8.65 11.16 20.98
N ILE A 41 -8.43 11.55 19.72
CA ILE A 41 -9.09 12.73 19.16
C ILE A 41 -10.61 12.52 19.15
N ALA A 42 -11.03 11.35 18.67
CA ALA A 42 -12.45 11.04 18.61
C ALA A 42 -13.04 11.06 20.01
N LYS A 43 -12.37 10.40 20.94
CA LYS A 43 -12.84 10.34 22.33
C LYS A 43 -12.96 11.74 22.92
N ASN A 44 -11.97 12.58 22.62
CA ASN A 44 -11.97 13.94 23.18
C ASN A 44 -13.22 14.71 22.73
N GLN A 45 -13.66 14.44 21.51
CA GLN A 45 -14.79 15.14 20.90
C GLN A 45 -16.14 14.43 20.99
N GLY A 46 -16.16 13.26 21.60
CA GLY A 46 -17.40 12.51 21.75
C GLY A 46 -17.89 11.86 20.45
N PHE A 47 -16.96 11.50 19.57
CA PHE A 47 -17.26 10.76 18.32
C PHE A 47 -16.85 9.29 18.54
N LYS A 48 -17.46 8.39 17.79
CA LYS A 48 -17.13 6.97 17.83
CA LYS A 48 -17.12 6.97 17.84
C LYS A 48 -16.63 6.54 16.46
N LEU A 49 -15.66 5.61 16.46
CA LEU A 49 -15.01 5.14 15.25
C LEU A 49 -15.05 3.64 15.11
N LYS A 50 -14.99 3.19 13.86
CA LYS A 50 -14.78 1.80 13.52
C LYS A 50 -13.66 1.79 12.48
N TRP A 51 -12.64 0.96 12.67
CA TRP A 51 -11.47 0.95 11.78
C TRP A 51 -11.51 -0.24 10.83
N ASN A 52 -11.11 0.00 9.58
CA ASN A 52 -10.96 -1.04 8.57
C ASN A 52 -9.56 -0.92 8.00
N PHE A 53 -8.68 -1.87 8.35
CA PHE A 53 -7.27 -1.83 7.95
C PHE A 53 -7.07 -2.56 6.63
N ILE A 54 -7.54 -1.92 5.57
CA ILE A 54 -7.70 -2.57 4.26
C ILE A 54 -6.54 -2.37 3.29
N GLY A 55 -5.62 -1.45 3.62
CA GLY A 55 -4.53 -1.11 2.73
C GLY A 55 -4.71 0.28 2.14
N PHE A 56 -3.59 0.96 1.92
CA PHE A 56 -3.64 2.36 1.44
C PHE A 56 -4.49 2.57 0.18
N GLN A 57 -4.19 1.84 -0.89
CA GLN A 57 -4.94 1.99 -2.14
C GLN A 57 -6.43 1.73 -1.92
N ALA A 58 -6.73 0.62 -1.26
CA ALA A 58 -8.12 0.23 -1.01
C ALA A 58 -8.83 1.29 -0.15
N ALA A 59 -8.08 1.88 0.78
CA ALA A 59 -8.66 2.91 1.67
C ALA A 59 -9.02 4.17 0.90
N VAL A 60 -8.11 4.57 0.01
CA VAL A 60 -8.42 5.67 -0.90
C VAL A 60 -9.72 5.38 -1.67
N ASP A 61 -9.81 4.20 -2.27
CA ASP A 61 -10.96 3.90 -3.10
C ASP A 61 -12.23 3.78 -2.29
N SER A 62 -12.13 3.32 -1.05
CA SER A 62 -13.31 3.19 -0.20
C SER A 62 -13.84 4.57 0.18
N VAL A 63 -12.95 5.48 0.57
CA VAL A 63 -13.40 6.80 0.94
C VAL A 63 -13.99 7.50 -0.27
N GLN A 64 -13.33 7.37 -1.41
CA GLN A 64 -13.81 8.02 -2.61
C GLN A 64 -15.19 7.52 -3.08
N SER A 65 -15.52 6.26 -2.82
CA SER A 65 -16.80 5.70 -3.28
C SER A 65 -17.89 5.82 -2.21
N GLY A 66 -17.57 6.52 -1.11
CA GLY A 66 -18.51 6.69 -0.02
C GLY A 66 -18.70 5.51 0.95
N HIS A 67 -17.78 4.55 0.95
CA HIS A 67 -17.85 3.36 1.81
C HIS A 67 -16.94 3.36 3.05
N ALA A 68 -16.18 4.43 3.22
CA ALA A 68 -15.52 4.73 4.49
C ALA A 68 -15.65 6.24 4.66
N ASP A 69 -15.73 6.71 5.91
CA ASP A 69 -15.94 8.13 6.17
C ASP A 69 -14.66 8.94 6.13
N GLY A 70 -13.57 8.34 6.58
CA GLY A 70 -12.31 9.03 6.62
C GLY A 70 -11.14 8.09 6.49
N MET A 71 -9.96 8.68 6.33
CA MET A 71 -8.75 7.91 6.17
C MET A 71 -7.63 8.49 7.05
N MET A 72 -7.03 7.62 7.84
CA MET A 72 -5.93 7.99 8.73
C MET A 72 -4.89 6.91 8.51
N SER A 73 -3.84 7.26 7.78
CA SER A 73 -2.95 6.23 7.23
C SER A 73 -1.60 6.77 6.79
N GLY A 74 -0.91 7.51 7.67
CA GLY A 74 0.40 8.05 7.33
C GLY A 74 0.37 8.76 5.98
N MET A 75 -0.69 9.55 5.78
CA MET A 75 -1.01 10.04 4.44
C MET A 75 -0.38 11.39 4.20
N SER A 76 0.61 11.43 3.31
CA SER A 76 1.24 12.69 2.91
CA SER A 76 1.23 12.70 2.92
C SER A 76 0.25 13.62 2.23
N ILE A 77 0.17 14.85 2.73
CA ILE A 77 -0.69 15.87 2.13
C ILE A 77 -0.03 16.40 0.87
N THR A 78 -0.68 16.25 -0.29
CA THR A 78 -0.12 16.71 -1.54
C THR A 78 -1.18 17.42 -2.31
N ASP A 79 -0.78 18.16 -3.33
CA ASP A 79 -1.72 18.86 -4.16
C ASP A 79 -2.63 17.88 -4.90
N ALA A 80 -2.07 16.77 -5.35
CA ALA A 80 -2.86 15.77 -6.06
C ALA A 80 -3.95 15.20 -5.15
N ARG A 81 -3.63 14.98 -3.88
CA ARG A 81 -4.64 14.47 -2.95
C ARG A 81 -5.66 15.52 -2.63
N LYS A 82 -5.26 16.79 -2.59
CA LYS A 82 -6.22 17.85 -2.35
C LYS A 82 -7.26 18.00 -3.48
N GLN A 83 -7.01 17.34 -4.62
CA GLN A 83 -7.99 17.33 -5.70
C GLN A 83 -9.25 16.60 -5.29
N VAL A 84 -9.12 15.59 -4.45
CA VAL A 84 -10.22 14.67 -4.17
C VAL A 84 -10.50 14.45 -2.67
N PHE A 85 -9.66 15.00 -1.80
CA PHE A 85 -9.84 14.92 -0.36
C PHE A 85 -9.82 16.28 0.31
N ASP A 86 -10.54 16.41 1.42
CA ASP A 86 -10.31 17.51 2.37
C ASP A 86 -9.49 16.96 3.55
N TYR A 87 -8.59 17.79 4.10
CA TYR A 87 -7.70 17.42 5.20
C TYR A 87 -7.99 18.21 6.44
N GLY A 88 -7.74 17.57 7.58
CA GLY A 88 -7.63 18.28 8.84
C GLY A 88 -6.29 19.01 8.93
N SER A 89 -6.13 19.78 9.99
CA SER A 89 -4.82 20.36 10.30
C SER A 89 -3.77 19.27 10.37
N PRO A 90 -2.59 19.51 9.79
CA PRO A 90 -1.59 18.43 9.75
C PRO A 90 -1.24 17.98 11.15
N TYR A 91 -1.06 16.68 11.36
CA TYR A 91 -0.87 16.13 12.71
C TYR A 91 0.53 15.57 12.96
N TYR A 92 1.37 15.55 11.93
CA TYR A 92 2.70 15.00 12.07
C TYR A 92 3.59 15.48 10.94
N SER A 93 4.82 15.89 11.28
CA SER A 93 5.80 16.30 10.29
C SER A 93 6.73 15.15 10.02
N SER A 94 6.58 14.52 8.86
CA SER A 94 7.39 13.34 8.54
C SER A 94 8.74 13.75 8.00
N ASN A 95 9.80 13.30 8.66
CA ASN A 95 11.15 13.68 8.28
C ASN A 95 11.94 12.46 7.85
N LEU A 96 13.07 12.71 7.20
CA LEU A 96 14.07 11.70 6.94
C LEU A 96 15.18 11.92 7.94
N THR A 97 15.90 10.85 8.32
CA THR A 97 17.06 11.02 9.18
C THR A 97 18.13 9.95 8.99
N ILE A 98 19.32 10.24 9.51
CA ILE A 98 20.43 9.29 9.47
C ILE A 98 20.42 8.41 10.72
N ALA A 99 20.67 7.13 10.51
CA ALA A 99 20.92 6.21 11.60
C ALA A 99 22.36 5.73 11.49
N THR A 100 23.08 5.79 12.62
CA THR A 100 24.39 5.19 12.74
C THR A 100 24.32 4.13 13.83
N SER A 101 25.40 3.38 14.02
CA SER A 101 25.47 2.48 15.17
C SER A 101 25.67 3.31 16.42
N SER A 102 24.98 2.97 17.49
CA SER A 102 25.07 3.73 18.74
C SER A 102 26.46 3.65 19.39
N THR A 103 27.26 2.66 18.99
CA THR A 103 28.63 2.55 19.50
C THR A 103 29.69 3.25 18.62
N ASP A 104 29.25 3.84 17.52
CA ASP A 104 30.18 4.47 16.58
C ASP A 104 30.30 5.95 16.86
N ASP A 105 31.41 6.35 17.45
CA ASP A 105 31.60 7.74 17.83
C ASP A 105 32.08 8.59 16.67
N SER A 106 32.40 7.96 15.53
CA SER A 106 33.05 8.69 14.46
C SER A 106 32.11 9.59 13.66
N ILE A 107 30.80 9.31 13.69
CA ILE A 107 29.83 10.09 12.93
C ILE A 107 28.92 10.91 13.82
N LYS A 108 29.14 12.22 13.80
CA LYS A 108 28.37 13.12 14.63
C LYS A 108 27.74 14.25 13.81
N SER A 109 28.07 14.31 12.52
CA SER A 109 27.65 15.43 11.68
C SER A 109 27.82 15.03 10.23
N TRP A 110 27.28 15.82 9.31
CA TRP A 110 27.45 15.51 7.90
C TRP A 110 28.92 15.48 7.49
N LYS A 111 29.75 16.38 8.03
CA LYS A 111 31.11 16.43 7.52
C LYS A 111 31.89 15.19 7.94
N ASP A 112 31.44 14.50 8.98
CA ASP A 112 32.06 13.25 9.43
C ASP A 112 31.79 12.09 8.47
N LEU A 113 30.94 12.29 7.48
CA LEU A 113 30.63 11.23 6.50
C LEU A 113 31.69 11.08 5.40
N LYS A 114 32.71 11.92 5.42
CA LYS A 114 33.76 11.83 4.42
CA LYS A 114 33.75 11.82 4.41
C LYS A 114 34.37 10.43 4.42
N GLY A 115 34.37 9.79 3.25
CA GLY A 115 34.96 8.48 3.08
C GLY A 115 34.11 7.32 3.56
N LYS A 116 32.90 7.64 4.03
CA LYS A 116 32.00 6.62 4.58
C LYS A 116 31.05 6.13 3.51
N THR A 117 30.39 5.01 3.78
CA THR A 117 29.34 4.48 2.90
C THR A 117 28.01 4.45 3.65
N LEU A 118 27.00 5.02 3.01
CA LEU A 118 25.65 5.06 3.58
C LEU A 118 24.68 4.31 2.72
N GLY A 119 23.79 3.57 3.37
CA GLY A 119 22.73 2.88 2.68
C GLY A 119 21.45 3.70 2.55
N ALA A 120 20.74 3.46 1.45
CA ALA A 120 19.36 3.92 1.29
C ALA A 120 18.61 2.93 0.42
N LYS A 121 17.30 2.87 0.59
CA LYS A 121 16.47 2.03 -0.26
C LYS A 121 16.26 2.74 -1.59
N ASN A 122 16.48 2.00 -2.67
CA ASN A 122 16.37 2.54 -4.02
C ASN A 122 15.09 3.32 -4.29
N GLY A 123 15.24 4.53 -4.84
CA GLY A 123 14.13 5.29 -5.36
C GLY A 123 13.32 6.01 -4.30
N THR A 124 13.81 6.00 -3.05
CA THR A 124 13.16 6.73 -1.97
C THR A 124 13.65 8.16 -1.83
N ALA A 125 12.90 8.97 -1.07
CA ALA A 125 13.31 10.33 -0.78
C ALA A 125 14.70 10.35 -0.15
N SER A 126 15.00 9.34 0.67
CA SER A 126 16.30 9.25 1.35
C SER A 126 17.39 9.02 0.34
N PHE A 127 17.13 8.09 -0.58
CA PHE A 127 18.06 7.79 -1.67
C PHE A 127 18.32 9.07 -2.45
N ASP A 128 17.27 9.78 -2.86
CA ASP A 128 17.48 11.03 -3.61
C ASP A 128 18.28 12.04 -2.80
N TYR A 129 17.98 12.14 -1.49
CA TYR A 129 18.64 13.14 -0.67
C TYR A 129 20.12 12.79 -0.54
N LEU A 130 20.42 11.54 -0.20
CA LEU A 130 21.82 11.16 -0.09
C LEU A 130 22.56 11.36 -1.40
N ASN A 131 21.95 11.02 -2.52
CA ASN A 131 22.66 11.18 -3.80
C ASN A 131 22.98 12.65 -4.05
N ALA A 132 22.03 13.53 -3.70
CA ALA A 132 22.19 14.95 -3.95
C ALA A 132 23.29 15.61 -3.12
N HIS A 133 23.73 14.97 -2.02
CA HIS A 133 24.71 15.58 -1.11
C HIS A 133 25.99 14.77 -1.01
N ALA A 134 26.10 13.73 -1.84
CA ALA A 134 27.26 12.85 -1.79
C ALA A 134 28.55 13.56 -2.17
N LYS A 135 28.51 14.39 -3.19
CA LYS A 135 29.73 15.10 -3.63
C LYS A 135 30.13 16.14 -2.57
N GLU A 136 29.14 16.82 -2.00
CA GLU A 136 29.38 17.85 -1.00
C GLU A 136 30.17 17.30 0.20
N TYR A 137 29.79 16.14 0.72
CA TYR A 137 30.41 15.66 1.96
C TYR A 137 31.38 14.49 1.74
N GLY A 138 31.47 14.00 0.51
CA GLY A 138 32.48 13.03 0.15
C GLY A 138 32.20 11.61 0.59
N TYR A 139 30.92 11.24 0.64
CA TYR A 139 30.54 9.85 0.90
C TYR A 139 30.05 9.13 -0.37
N THR A 140 29.85 7.82 -0.23
CA THR A 140 29.24 7.05 -1.30
CA THR A 140 29.31 6.95 -1.25
C THR A 140 27.95 6.41 -0.81
N VAL A 141 27.03 6.23 -1.76
CA VAL A 141 25.71 5.67 -1.46
C VAL A 141 25.66 4.23 -1.93
N LYS A 142 25.26 3.34 -1.03
CA LYS A 142 25.01 1.95 -1.39
C LYS A 142 23.52 1.72 -1.40
N THR A 143 23.03 1.18 -2.51
CA THR A 143 21.58 1.01 -2.67
CA THR A 143 21.61 0.99 -2.77
C THR A 143 21.12 -0.35 -2.23
N PHE A 144 19.95 -0.33 -1.57
CA PHE A 144 19.34 -1.55 -1.08
C PHE A 144 17.93 -1.62 -1.69
N THR A 145 17.46 -2.85 -1.92
CA THR A 145 16.10 -3.06 -2.44
C THR A 145 15.11 -3.42 -1.35
N ASP A 146 15.59 -3.76 -0.15
CA ASP A 146 14.67 -3.95 0.97
CA ASP A 146 14.67 -3.97 0.96
C ASP A 146 15.27 -3.52 2.30
N ALA A 147 14.37 -3.22 3.23
CA ALA A 147 14.73 -2.69 4.51
C ALA A 147 15.56 -3.66 5.34
N THR A 148 15.16 -4.93 5.37
CA THR A 148 15.81 -5.88 6.26
C THR A 148 17.30 -5.96 5.98
N THR A 149 17.67 -6.06 4.71
CA THR A 149 19.07 -6.18 4.33
CA THR A 149 19.07 -6.17 4.32
C THR A 149 19.84 -4.89 4.66
N MET A 150 19.22 -3.74 4.43
CA MET A 150 19.86 -2.47 4.71
C MET A 150 20.15 -2.34 6.22
N TYR A 151 19.15 -2.64 7.06
CA TYR A 151 19.37 -2.57 8.50
C TYR A 151 20.37 -3.62 8.99
N SER A 152 20.34 -4.80 8.39
CA SER A 152 21.31 -5.84 8.75
C SER A 152 22.72 -5.37 8.41
N SER A 153 22.85 -4.66 7.31
N SER A 153 22.83 -4.65 7.30
CA SER A 153 24.15 -4.16 6.86
CA SER A 153 24.11 -4.14 6.82
C SER A 153 24.70 -3.12 7.85
C SER A 153 24.69 -3.13 7.80
N LEU A 154 23.83 -2.33 8.41
CA LEU A 154 24.27 -1.35 9.39
C LEU A 154 24.75 -2.09 10.65
N ASN A 155 23.97 -3.10 11.03
CA ASN A 155 24.29 -3.86 12.23
C ASN A 155 25.57 -4.65 12.06
N ASN A 156 25.85 -5.18 10.87
CA ASN A 156 27.08 -5.96 10.68
C ASN A 156 28.32 -5.15 10.28
N GLY A 157 28.13 -3.86 10.04
CA GLY A 157 29.23 -2.95 9.78
C GLY A 157 29.65 -2.84 8.33
N SER A 158 28.87 -3.43 7.43
CA SER A 158 29.19 -3.36 6.00
C SER A 158 28.76 -2.04 5.37
N ILE A 159 27.91 -1.28 6.07
CA ILE A 159 27.74 0.16 5.80
C ILE A 159 27.94 0.93 7.12
N ASN A 160 28.25 2.22 7.01
CA ASN A 160 28.54 3.03 8.19
C ASN A 160 27.33 3.76 8.74
N ALA A 161 26.33 3.96 7.88
CA ALA A 161 25.11 4.64 8.26
C ALA A 161 24.06 4.38 7.19
N LEU A 162 22.83 4.78 7.46
CA LEU A 162 21.77 4.72 6.46
C LEU A 162 20.88 5.94 6.66
N MET A 163 20.07 6.23 5.65
CA MET A 163 19.04 7.25 5.77
C MET A 163 17.69 6.59 5.48
N ASP A 164 16.70 6.91 6.29
CA ASP A 164 15.36 6.31 6.15
C ASP A 164 14.36 7.26 6.84
N ASP A 165 13.07 6.93 6.75
CA ASP A 165 12.06 7.65 7.49
C ASP A 165 12.40 7.72 8.97
N GLU A 166 12.32 8.91 9.56
CA GLU A 166 12.68 9.09 10.94
C GLU A 166 11.83 8.22 11.90
N PRO A 167 10.51 8.16 11.69
CA PRO A 167 9.73 7.30 12.60
C PRO A 167 10.16 5.82 12.57
N VAL A 168 10.55 5.31 11.41
CA VAL A 168 11.01 3.93 11.34
C VAL A 168 12.26 3.75 12.19
N ILE A 169 13.22 4.65 12.01
CA ILE A 169 14.44 4.62 12.80
C ILE A 169 14.15 4.83 14.28
N LYS A 170 13.33 5.81 14.63
CA LYS A 170 13.08 6.06 16.04
CA LYS A 170 13.06 6.08 16.04
C LYS A 170 12.32 4.90 16.68
N TYR A 171 11.37 4.32 15.97
CA TYR A 171 10.66 3.14 16.50
C TYR A 171 11.62 1.97 16.72
N ALA A 172 12.51 1.72 15.76
CA ALA A 172 13.53 0.67 15.90
C ALA A 172 14.35 0.86 17.17
N ILE A 173 14.77 2.10 17.40
CA ILE A 173 15.48 2.45 18.60
C ILE A 173 14.63 2.17 19.85
N LYS A 174 13.38 2.62 19.82
CA LYS A 174 12.47 2.37 20.95
C LYS A 174 12.37 0.87 21.24
N GLN A 175 12.43 0.06 20.19
CA GLN A 175 12.33 -1.39 20.33
C GLN A 175 13.64 -2.03 20.80
N GLY A 176 14.70 -1.23 20.87
CA GLY A 176 15.96 -1.68 21.43
C GLY A 176 17.11 -1.81 20.45
N GLN A 177 16.89 -1.44 19.20
CA GLN A 177 17.95 -1.49 18.20
C GLN A 177 19.06 -0.51 18.60
N LYS A 178 20.30 -0.91 18.35
CA LYS A 178 21.44 -0.12 18.78
C LYS A 178 21.86 0.89 17.70
N PHE A 179 20.96 1.83 17.43
CA PHE A 179 21.20 2.92 16.49
C PHE A 179 21.16 4.27 17.19
N ALA A 180 21.80 5.24 16.58
CA ALA A 180 21.78 6.62 17.05
C ALA A 180 21.35 7.50 15.89
N THR A 181 20.90 8.72 16.20
CA THR A 181 20.49 9.70 15.21
C THR A 181 21.23 11.02 15.50
N PRO A 182 22.50 11.10 15.10
CA PRO A 182 23.33 12.25 15.45
C PRO A 182 23.05 13.50 14.64
N ILE A 183 22.35 13.36 13.52
CA ILE A 183 22.21 14.43 12.53
C ILE A 183 20.78 14.96 12.50
N LYS A 184 20.64 16.28 12.33
CA LYS A 184 19.35 16.95 12.28
C LYS A 184 18.48 16.37 11.14
N PRO A 185 17.23 16.00 11.47
CA PRO A 185 16.40 15.41 10.40
C PRO A 185 16.06 16.38 9.30
N ILE A 186 15.72 15.81 8.15
CA ILE A 186 15.35 16.55 6.95
C ILE A 186 13.83 16.53 6.77
N PRO A 187 13.20 17.71 6.66
CA PRO A 187 11.75 17.71 6.46
C PRO A 187 11.36 17.00 5.16
N ASP A 188 10.25 16.26 5.22
CA ASP A 188 9.75 15.53 4.07
C ASP A 188 8.22 15.51 4.08
N GLY A 189 7.63 16.66 4.40
CA GLY A 189 6.20 16.82 4.30
C GLY A 189 5.46 16.60 5.59
N GLN A 190 4.13 16.53 5.51
CA GLN A 190 3.25 16.41 6.67
C GLN A 190 2.19 15.36 6.42
N TYR A 191 1.69 14.72 7.46
CA TYR A 191 0.60 13.80 7.37
C TYR A 191 -0.71 14.45 7.76
N GLY A 192 -1.78 14.04 7.07
CA GLY A 192 -3.10 14.51 7.36
C GLY A 192 -4.18 13.44 7.38
N PHE A 193 -5.20 13.73 8.19
CA PHE A 193 -6.47 13.00 8.20
C PHE A 193 -7.35 13.52 7.08
N ALA A 194 -7.90 12.59 6.29
CA ALA A 194 -8.68 12.93 5.10
C ALA A 194 -10.12 12.42 5.13
N VAL A 195 -10.99 13.25 4.58
CA VAL A 195 -12.31 12.83 4.10
C VAL A 195 -12.46 13.10 2.59
N LYS A 196 -13.45 12.47 1.98
CA LYS A 196 -13.72 12.77 0.58
C LYS A 196 -14.06 14.24 0.46
N LYS A 197 -13.51 14.93 -0.55
CA LYS A 197 -13.72 16.35 -0.67
C LYS A 197 -15.23 16.64 -0.70
N GLY A 198 -15.67 17.49 0.22
CA GLY A 198 -17.07 17.89 0.31
C GLY A 198 -17.92 17.01 1.21
N SER A 199 -17.32 15.97 1.78
CA SER A 199 -18.05 15.08 2.67
C SER A 199 -17.70 15.29 4.13
N ASN A 200 -18.62 14.89 5.00
CA ASN A 200 -18.33 14.74 6.44
C ASN A 200 -17.56 15.91 7.07
N PRO A 201 -18.05 17.13 6.86
CA PRO A 201 -17.31 18.29 7.36
C PRO A 201 -17.18 18.26 8.88
N GLU A 202 -18.17 17.70 9.57
CA GLU A 202 -18.11 17.67 11.03
C GLU A 202 -16.99 16.75 11.51
N LEU A 203 -16.55 15.83 10.65
CA LEU A 203 -15.46 14.94 11.04
C LEU A 203 -14.10 15.67 10.98
N ILE A 204 -13.95 16.58 10.03
CA ILE A 204 -12.77 17.42 9.97
C ILE A 204 -12.75 18.43 11.13
N GLU A 205 -13.91 19.01 11.45
CA GLU A 205 -13.98 19.91 12.60
C GLU A 205 -13.58 19.21 13.89
N MET A 206 -14.16 18.01 14.10
CA MET A 206 -13.84 17.09 15.21
CA MET A 206 -13.84 17.31 15.31
C MET A 206 -12.35 16.94 15.32
N PHE A 207 -11.78 16.57 14.18
CA PHE A 207 -10.36 16.26 14.15
C PHE A 207 -9.55 17.48 14.58
N ASN A 208 -9.85 18.64 14.01
CA ASN A 208 -9.08 19.83 14.33
C ASN A 208 -9.23 20.21 15.80
N ASN A 209 -10.45 20.16 16.31
CA ASN A 209 -10.70 20.60 17.69
C ASN A 209 -10.02 19.65 18.65
N GLY A 210 -10.17 18.36 18.39
CA GLY A 210 -9.59 17.34 19.24
C GLY A 210 -8.07 17.39 19.18
N LEU A 211 -7.51 17.53 17.98
CA LEU A 211 -6.06 17.59 17.87
C LEU A 211 -5.51 18.75 18.68
N ALA A 212 -6.16 19.90 18.59
CA ALA A 212 -5.72 21.07 19.33
C ALA A 212 -5.81 20.81 20.84
N ASN A 213 -6.89 20.18 21.30
CA ASN A 213 -6.96 19.86 22.73
C ASN A 213 -5.88 18.89 23.18
N LEU A 214 -5.57 17.90 22.34
CA LEU A 214 -4.55 16.93 22.70
C LEU A 214 -3.13 17.56 22.71
N ARG A 215 -2.89 18.52 21.82
CA ARG A 215 -1.62 19.23 21.84
C ARG A 215 -1.50 20.02 23.15
N ALA A 216 -2.61 20.61 23.58
CA ALA A 216 -2.62 21.48 24.77
C ALA A 216 -2.60 20.71 26.08
N ASN A 217 -3.12 19.49 26.07
CA ASN A 217 -3.33 18.75 27.31
C ASN A 217 -2.31 17.65 27.59
N GLY A 218 -1.32 17.52 26.69
CA GLY A 218 -0.23 16.58 26.90
C GLY A 218 -0.39 15.22 26.23
N GLU A 219 -1.62 14.86 25.87
CA GLU A 219 -1.87 13.54 25.30
C GLU A 219 -1.19 13.36 23.93
N TYR A 220 -1.13 14.40 23.11
CA TYR A 220 -0.52 14.27 21.80
C TYR A 220 0.91 13.81 21.92
N ASP A 221 1.67 14.46 22.81
CA ASP A 221 3.06 14.10 22.97
C ASP A 221 3.17 12.72 23.61
N LYS A 222 2.25 12.38 24.50
CA LYS A 222 2.30 11.06 25.13
C LYS A 222 2.16 9.94 24.08
N ILE A 223 1.28 10.15 23.12
CA ILE A 223 0.97 9.15 22.11
C ILE A 223 2.19 9.00 21.18
N ILE A 224 2.75 10.12 20.71
CA ILE A 224 3.92 10.03 19.84
C ILE A 224 5.06 9.33 20.57
N ASP A 225 5.34 9.77 21.80
CA ASP A 225 6.47 9.27 22.59
C ASP A 225 6.35 7.79 22.92
N LYS A 226 5.12 7.31 22.97
CA LYS A 226 4.85 5.90 23.18
C LYS A 226 5.57 5.04 22.15
N TYR A 227 5.64 5.54 20.91
CA TYR A 227 6.25 4.79 19.81
C TYR A 227 7.66 5.23 19.46
N LEU A 228 7.98 6.50 19.67
CA LEU A 228 9.21 7.07 19.12
C LEU A 228 10.25 7.47 20.16
N GLU A 229 9.80 7.58 21.42
CA GLU A 229 10.63 7.65 22.64
C GLU A 229 10.64 9.05 23.26
N GLY B 1 0.48 4.85 -31.73
CA GLY B 1 1.49 4.82 -32.77
C GLY B 1 2.73 4.08 -32.33
N MET B 2 3.68 3.90 -33.24
N MET B 2 3.67 3.88 -33.25
CA MET B 2 4.92 3.22 -32.91
CA MET B 2 4.95 3.25 -32.94
C MET B 2 5.72 4.01 -31.87
C MET B 2 5.65 4.03 -31.83
N ALA B 3 6.18 3.31 -30.83
CA ALA B 3 6.84 3.93 -29.69
C ALA B 3 8.36 3.99 -29.86
N THR B 4 8.91 5.19 -29.74
CA THR B 4 10.35 5.39 -29.72
C THR B 4 10.79 5.89 -28.34
N PRO B 5 11.81 5.24 -27.74
CA PRO B 5 12.28 5.73 -26.45
C PRO B 5 12.93 7.12 -26.54
N LYS B 6 12.69 7.92 -25.50
CA LYS B 6 13.25 9.27 -25.42
C LYS B 6 14.14 9.36 -24.17
N LYS B 7 14.24 8.25 -23.45
CA LYS B 7 15.16 8.12 -22.31
C LYS B 7 15.95 6.84 -22.46
N ASP B 8 17.19 6.83 -22.00
CA ASP B 8 18.01 5.62 -22.04
C ASP B 8 17.44 4.56 -21.12
N VAL B 9 16.86 5.00 -20.01
CA VAL B 9 16.17 4.09 -19.09
CA VAL B 9 16.17 4.09 -19.08
C VAL B 9 14.99 4.81 -18.46
N TYR B 10 13.88 4.09 -18.32
CA TYR B 10 12.68 4.62 -17.67
C TYR B 10 12.57 4.04 -16.26
N THR B 11 12.29 4.91 -15.30
CA THR B 11 12.17 4.54 -13.90
C THR B 11 10.71 4.22 -13.60
N ILE B 12 10.47 3.02 -13.08
CA ILE B 12 9.12 2.57 -12.73
C ILE B 12 9.01 2.38 -11.23
N ALA B 13 8.05 3.09 -10.62
CA ALA B 13 7.78 2.93 -9.20
C ALA B 13 6.69 1.90 -8.97
N SER B 14 6.81 1.16 -7.88
CA SER B 14 5.87 0.08 -7.58
C SER B 14 5.78 -0.17 -6.07
N ASP B 15 4.80 -0.98 -5.70
CA ASP B 15 4.65 -1.41 -4.32
C ASP B 15 5.82 -2.32 -3.97
N ASN B 16 6.08 -2.49 -2.68
CA ASN B 16 7.11 -3.39 -2.20
C ASN B 16 6.47 -4.69 -1.69
N SER B 17 5.16 -4.71 -1.53
CA SER B 17 4.51 -5.92 -1.05
C SER B 17 3.06 -5.96 -1.43
N PHE B 18 2.81 -6.52 -2.62
CA PHE B 18 1.46 -6.67 -3.15
C PHE B 18 1.37 -7.91 -4.03
N ALA B 19 1.60 -9.08 -3.45
CA ALA B 19 1.49 -10.35 -4.18
C ALA B 19 0.06 -10.52 -4.67
N PRO B 20 -0.14 -11.04 -5.88
CA PRO B 20 0.84 -11.60 -6.83
C PRO B 20 1.43 -10.60 -7.84
N PHE B 21 1.12 -9.30 -7.70
CA PHE B 21 1.57 -8.31 -8.67
C PHE B 21 3.05 -7.93 -8.53
N GLU B 22 3.50 -7.64 -7.30
CA GLU B 22 4.92 -7.45 -7.01
C GLU B 22 5.18 -7.88 -5.58
N PHE B 23 6.20 -8.71 -5.43
CA PHE B 23 6.53 -9.24 -4.13
C PHE B 23 7.94 -9.84 -4.17
N GLN B 24 8.49 -10.16 -3.00
CA GLN B 24 9.80 -10.78 -2.95
C GLN B 24 9.71 -12.28 -2.86
N ASN B 25 10.56 -12.95 -3.64
CA ASN B 25 10.68 -14.41 -3.54
C ASN B 25 11.60 -14.79 -2.38
N ASP B 26 11.84 -16.09 -2.20
CA ASP B 26 12.62 -16.55 -1.08
C ASP B 26 14.08 -16.08 -1.18
N ASP B 27 14.53 -15.76 -2.40
CA ASP B 27 15.87 -15.23 -2.60
C ASP B 27 15.93 -13.70 -2.46
N LYS B 28 14.80 -13.12 -2.04
CA LYS B 28 14.64 -11.67 -1.83
C LYS B 28 14.64 -10.83 -3.10
N GLN B 29 14.49 -11.48 -4.25
CA GLN B 29 14.38 -10.76 -5.51
C GLN B 29 12.93 -10.41 -5.75
N PHE B 30 12.68 -9.21 -6.25
CA PHE B 30 11.32 -8.87 -6.67
C PHE B 30 10.85 -9.60 -7.93
N THR B 31 9.58 -9.99 -7.89
CA THR B 31 8.99 -10.82 -8.90
C THR B 31 7.48 -10.51 -8.88
N GLY B 32 6.69 -11.19 -9.71
CA GLY B 32 5.24 -10.99 -9.79
C GLY B 32 4.77 -10.68 -11.20
N ILE B 33 3.44 -10.65 -11.35
CA ILE B 33 2.79 -10.35 -12.61
C ILE B 33 3.27 -9.04 -13.19
N ASP B 34 3.27 -7.98 -12.37
CA ASP B 34 3.64 -6.66 -12.88
C ASP B 34 5.09 -6.63 -13.33
N VAL B 35 5.96 -7.27 -12.56
CA VAL B 35 7.40 -7.24 -12.82
C VAL B 35 7.66 -7.97 -14.15
N ASP B 36 7.14 -9.18 -14.25
CA ASP B 36 7.38 -9.97 -15.47
C ASP B 36 6.69 -9.34 -16.67
N LEU B 37 5.45 -8.87 -16.48
CA LEU B 37 4.70 -8.34 -17.61
C LEU B 37 5.32 -7.03 -18.16
N LEU B 38 5.61 -6.07 -17.29
CA LEU B 38 6.18 -4.82 -17.81
C LEU B 38 7.59 -5.03 -18.34
N ASN B 39 8.37 -5.88 -17.69
CA ASN B 39 9.67 -6.23 -18.24
C ASN B 39 9.54 -6.83 -19.63
N ALA B 40 8.57 -7.72 -19.81
CA ALA B 40 8.41 -8.36 -21.11
C ALA B 40 7.93 -7.36 -22.15
N ILE B 41 7.11 -6.40 -21.72
CA ILE B 41 6.61 -5.34 -22.61
C ILE B 41 7.76 -4.42 -23.05
N ALA B 42 8.59 -3.99 -22.11
CA ALA B 42 9.72 -3.15 -22.44
C ALA B 42 10.65 -3.90 -23.41
N LYS B 43 10.91 -5.15 -23.11
CA LYS B 43 11.84 -5.92 -23.95
C LYS B 43 11.27 -6.05 -25.35
N ASN B 44 9.97 -6.30 -25.45
CA ASN B 44 9.31 -6.44 -26.76
C ASN B 44 9.49 -5.18 -27.59
N GLN B 45 9.47 -4.03 -26.93
CA GLN B 45 9.50 -2.73 -27.58
C GLN B 45 10.88 -2.07 -27.64
N GLY B 46 11.91 -2.72 -27.09
CA GLY B 46 13.25 -2.15 -27.08
C GLY B 46 13.45 -0.96 -26.14
N PHE B 47 12.63 -0.90 -25.09
CA PHE B 47 12.81 0.09 -24.00
C PHE B 47 13.55 -0.57 -22.82
N LYS B 48 14.21 0.24 -22.00
CA LYS B 48 14.89 -0.25 -20.79
C LYS B 48 14.24 0.34 -19.55
N LEU B 49 14.22 -0.45 -18.47
CA LEU B 49 13.56 -0.06 -17.21
C LEU B 49 14.48 -0.17 -16.01
N LYS B 50 14.15 0.63 -15.01
CA LYS B 50 14.73 0.53 -13.67
CA LYS B 50 14.73 0.56 -13.67
C LYS B 50 13.56 0.55 -12.69
N TRP B 51 13.49 -0.43 -11.79
CA TRP B 51 12.35 -0.55 -10.86
C TRP B 51 12.68 0.02 -9.50
N ASN B 52 11.71 0.73 -8.91
CA ASN B 52 11.82 1.24 -7.55
C ASN B 52 10.64 0.66 -6.74
N PHE B 53 10.89 -0.36 -5.92
CA PHE B 53 9.80 -1.02 -5.21
C PHE B 53 9.64 -0.35 -3.85
N ILE B 54 8.88 0.73 -3.81
CA ILE B 54 8.90 1.64 -2.65
C ILE B 54 7.59 1.70 -1.84
N GLY B 55 6.51 1.16 -2.40
CA GLY B 55 5.20 1.14 -1.75
C GLY B 55 4.20 1.94 -2.57
N PHE B 56 2.91 1.66 -2.39
CA PHE B 56 1.90 2.27 -3.23
C PHE B 56 1.88 3.80 -3.09
N GLN B 57 1.73 4.29 -1.86
CA GLN B 57 1.66 5.73 -1.66
C GLN B 57 2.92 6.42 -2.20
N ALA B 58 4.07 5.87 -1.86
CA ALA B 58 5.36 6.42 -2.28
C ALA B 58 5.49 6.44 -3.81
N ALA B 59 5.00 5.39 -4.45
CA ALA B 59 5.05 5.28 -5.91
C ALA B 59 4.17 6.34 -6.57
N VAL B 60 2.97 6.55 -6.05
CA VAL B 60 2.11 7.62 -6.54
C VAL B 60 2.84 8.96 -6.47
N ASP B 61 3.43 9.23 -5.31
CA ASP B 61 4.03 10.54 -5.11
C ASP B 61 5.31 10.71 -5.92
N SER B 62 6.01 9.61 -6.18
CA SER B 62 7.22 9.67 -6.99
C SER B 62 6.88 9.99 -8.44
N VAL B 63 5.83 9.37 -8.98
CA VAL B 63 5.45 9.69 -10.35
C VAL B 63 4.96 11.14 -10.43
N GLN B 64 4.17 11.55 -9.46
CA GLN B 64 3.61 12.90 -9.52
C GLN B 64 4.69 13.99 -9.40
N SER B 65 5.79 13.68 -8.71
CA SER B 65 6.85 14.66 -8.50
C SER B 65 7.94 14.58 -9.56
N GLY B 66 7.81 13.62 -10.47
CA GLY B 66 8.74 13.46 -11.55
C GLY B 66 9.95 12.60 -11.22
N HIS B 67 9.96 11.99 -10.04
CA HIS B 67 11.07 11.13 -9.62
C HIS B 67 10.97 9.72 -10.18
N ALA B 68 9.83 9.40 -10.75
CA ALA B 68 9.65 8.17 -11.52
C ALA B 68 8.85 8.49 -12.76
N ASP B 69 9.02 7.69 -13.82
CA ASP B 69 8.36 7.96 -15.09
C ASP B 69 7.02 7.26 -15.21
N GLY B 70 6.90 6.09 -14.58
CA GLY B 70 5.68 5.33 -14.63
C GLY B 70 5.44 4.55 -13.36
N MET B 71 4.21 4.06 -13.23
CA MET B 71 3.83 3.25 -12.07
C MET B 71 3.12 1.99 -12.53
N MET B 72 3.65 0.85 -12.08
CA MET B 72 3.08 -0.46 -12.37
C MET B 72 2.98 -1.15 -11.02
N SER B 73 1.77 -1.26 -10.47
CA SER B 73 1.64 -1.50 -9.03
C SER B 73 0.25 -2.02 -8.66
N GLY B 74 -0.30 -2.93 -9.48
CA GLY B 74 -1.63 -3.46 -9.18
C GLY B 74 -2.63 -2.32 -9.02
N MET B 75 -2.50 -1.31 -9.87
CA MET B 75 -3.23 -0.06 -9.66
C MET B 75 -4.61 -0.05 -10.31
N SER B 76 -5.64 0.05 -9.47
CA SER B 76 -7.02 0.10 -9.95
C SER B 76 -7.27 1.41 -10.68
N ILE B 77 -7.69 1.31 -11.93
CA ILE B 77 -8.05 2.49 -12.67
C ILE B 77 -9.34 3.07 -12.10
N THR B 78 -9.30 4.34 -11.68
CA THR B 78 -10.48 5.04 -11.17
C THR B 78 -10.55 6.45 -11.76
N ASP B 79 -11.72 7.06 -11.71
CA ASP B 79 -11.86 8.41 -12.23
C ASP B 79 -11.03 9.40 -11.42
N ALA B 80 -10.94 9.17 -10.11
CA ALA B 80 -10.11 10.03 -9.26
C ALA B 80 -8.66 9.95 -9.74
N ARG B 81 -8.17 8.75 -10.04
CA ARG B 81 -6.80 8.61 -10.50
C ARG B 81 -6.57 9.23 -11.87
N LYS B 82 -7.57 9.12 -12.74
CA LYS B 82 -7.50 9.70 -14.08
C LYS B 82 -7.36 11.24 -14.04
N GLN B 83 -7.76 11.88 -12.94
CA GLN B 83 -7.54 13.32 -12.82
C GLN B 83 -6.04 13.67 -12.86
N VAL B 84 -5.19 12.78 -12.37
CA VAL B 84 -3.76 13.09 -12.24
C VAL B 84 -2.81 12.14 -12.97
N PHE B 85 -3.33 11.03 -13.49
CA PHE B 85 -2.55 10.06 -14.28
C PHE B 85 -3.19 9.84 -15.67
N ASP B 86 -2.35 9.50 -16.66
CA ASP B 86 -2.79 8.88 -17.91
C ASP B 86 -2.48 7.39 -17.81
N TYR B 87 -3.37 6.56 -18.34
CA TYR B 87 -3.23 5.11 -18.27
C TYR B 87 -3.02 4.47 -19.62
N GLY B 88 -2.24 3.40 -19.65
CA GLY B 88 -2.20 2.55 -20.83
C GLY B 88 -3.50 1.76 -20.91
N SER B 89 -3.64 0.97 -21.96
CA SER B 89 -4.79 0.10 -22.08
C SER B 89 -4.74 -0.83 -20.88
N PRO B 90 -5.90 -1.14 -20.28
CA PRO B 90 -5.91 -1.98 -19.09
C PRO B 90 -5.29 -3.34 -19.36
N TYR B 91 -4.54 -3.88 -18.39
CA TYR B 91 -3.77 -5.10 -18.61
C TYR B 91 -4.27 -6.30 -17.82
N TYR B 92 -5.22 -6.07 -16.92
CA TYR B 92 -5.87 -7.17 -16.20
CA TYR B 92 -5.81 -7.14 -16.11
C TYR B 92 -7.16 -6.66 -15.56
N SER B 93 -8.19 -7.50 -15.60
CA SER B 93 -9.48 -7.16 -14.99
CA SER B 93 -9.47 -7.15 -14.99
C SER B 93 -9.47 -7.52 -13.52
N SER B 94 -10.01 -6.63 -12.70
CA SER B 94 -10.12 -6.90 -11.29
CA SER B 94 -10.15 -6.87 -11.26
C SER B 94 -11.52 -7.45 -11.01
N ASN B 95 -11.59 -8.53 -10.24
CA ASN B 95 -12.89 -9.13 -9.91
C ASN B 95 -12.92 -9.40 -8.42
N LEU B 96 -14.13 -9.41 -7.87
CA LEU B 96 -14.40 -9.93 -6.54
C LEU B 96 -14.92 -11.33 -6.73
N THR B 97 -14.31 -12.32 -6.10
CA THR B 97 -14.76 -13.68 -6.32
CA THR B 97 -14.69 -13.70 -6.34
C THR B 97 -14.75 -14.53 -5.07
N ILE B 98 -15.56 -15.57 -5.11
CA ILE B 98 -15.75 -16.47 -3.99
C ILE B 98 -14.74 -17.59 -4.04
N ALA B 99 -14.11 -17.88 -2.89
CA ALA B 99 -13.23 -19.01 -2.73
C ALA B 99 -13.93 -20.00 -1.84
N THR B 100 -13.88 -21.27 -2.26
CA THR B 100 -14.35 -22.39 -1.45
C THR B 100 -13.18 -23.31 -1.18
N SER B 101 -13.38 -24.30 -0.32
CA SER B 101 -12.42 -25.38 -0.21
C SER B 101 -12.50 -26.24 -1.46
N SER B 102 -11.36 -26.67 -2.00
CA SER B 102 -11.37 -27.52 -3.18
C SER B 102 -11.94 -28.90 -2.88
N THR B 103 -12.02 -29.25 -1.60
CA THR B 103 -12.58 -30.53 -1.17
C THR B 103 -14.10 -30.50 -0.99
N ASP B 104 -14.70 -29.32 -1.12
CA ASP B 104 -16.13 -29.14 -0.90
C ASP B 104 -16.80 -29.03 -2.25
N ASP B 105 -17.61 -30.02 -2.62
CA ASP B 105 -18.26 -29.93 -3.94
CA ASP B 105 -18.28 -30.03 -3.91
C ASP B 105 -19.72 -29.52 -3.84
N SER B 106 -20.10 -28.92 -2.69
CA SER B 106 -21.49 -28.51 -2.52
C SER B 106 -21.85 -27.15 -3.16
N ILE B 107 -20.85 -26.34 -3.47
CA ILE B 107 -21.13 -25.02 -4.05
C ILE B 107 -20.76 -24.99 -5.54
N LYS B 108 -21.77 -24.97 -6.41
CA LYS B 108 -21.55 -25.00 -7.87
C LYS B 108 -22.11 -23.79 -8.60
N SER B 109 -23.00 -23.04 -7.94
CA SER B 109 -23.56 -21.81 -8.47
C SER B 109 -23.96 -20.94 -7.31
N TRP B 110 -24.30 -19.69 -7.60
CA TRP B 110 -24.61 -18.73 -6.54
C TRP B 110 -25.78 -19.19 -5.68
N LYS B 111 -26.72 -19.91 -6.27
CA LYS B 111 -27.86 -20.38 -5.49
C LYS B 111 -27.46 -21.35 -4.38
N ASP B 112 -26.30 -22.01 -4.53
CA ASP B 112 -25.83 -22.95 -3.52
C ASP B 112 -25.25 -22.23 -2.30
N LEU B 113 -25.21 -20.89 -2.31
CA LEU B 113 -24.71 -20.15 -1.14
C LEU B 113 -25.75 -20.05 -0.03
N LYS B 114 -26.97 -20.48 -0.31
CA LYS B 114 -28.04 -20.54 0.66
CA LYS B 114 -28.02 -20.45 0.70
C LYS B 114 -27.59 -21.29 1.89
N GLY B 115 -27.72 -20.68 3.07
CA GLY B 115 -27.34 -21.33 4.31
C GLY B 115 -25.85 -21.42 4.58
N LYS B 116 -25.03 -20.82 3.72
CA LYS B 116 -23.59 -20.89 3.92
C LYS B 116 -23.05 -19.73 4.75
N THR B 117 -21.93 -19.98 5.41
CA THR B 117 -21.15 -18.93 6.09
C THR B 117 -20.10 -18.39 5.14
N LEU B 118 -20.16 -17.07 4.91
CA LEU B 118 -19.22 -16.41 4.01
CA LEU B 118 -19.25 -16.36 3.99
C LEU B 118 -18.38 -15.39 4.75
N GLY B 119 -17.08 -15.45 4.54
CA GLY B 119 -16.16 -14.54 5.20
C GLY B 119 -15.78 -13.37 4.30
N ALA B 120 -15.50 -12.22 4.89
CA ALA B 120 -14.89 -11.10 4.18
C ALA B 120 -14.11 -10.24 5.15
N LYS B 121 -13.09 -9.56 4.65
CA LYS B 121 -12.33 -8.63 5.48
C LYS B 121 -13.14 -7.37 5.69
N ASN B 122 -13.20 -6.87 6.90
CA ASN B 122 -14.09 -5.76 7.19
C ASN B 122 -13.80 -4.53 6.34
N GLY B 123 -14.85 -3.90 5.83
CA GLY B 123 -14.67 -2.63 5.16
C GLY B 123 -14.19 -2.70 3.73
N THR B 124 -14.09 -3.91 3.15
CA THR B 124 -13.59 -4.09 1.80
C THR B 124 -14.74 -4.07 0.80
N ALA B 125 -14.39 -3.94 -0.48
CA ALA B 125 -15.35 -4.04 -1.56
C ALA B 125 -16.05 -5.40 -1.52
N SER B 126 -15.31 -6.45 -1.13
CA SER B 126 -15.91 -7.80 -1.01
C SER B 126 -16.96 -7.83 0.10
N PHE B 127 -16.60 -7.25 1.23
CA PHE B 127 -17.55 -7.09 2.32
C PHE B 127 -18.81 -6.33 1.89
N ASP B 128 -18.64 -5.22 1.19
CA ASP B 128 -19.78 -4.41 0.80
C ASP B 128 -20.68 -5.19 -0.14
N TYR B 129 -20.08 -5.92 -1.09
CA TYR B 129 -20.86 -6.70 -2.02
C TYR B 129 -21.62 -7.80 -1.26
N LEU B 130 -20.92 -8.53 -0.41
CA LEU B 130 -21.58 -9.63 0.29
C LEU B 130 -22.72 -9.13 1.15
N ASN B 131 -22.50 -8.06 1.89
CA ASN B 131 -23.58 -7.48 2.71
C ASN B 131 -24.79 -7.09 1.86
N ALA B 132 -24.54 -6.57 0.67
CA ALA B 132 -25.61 -6.06 -0.16
C ALA B 132 -26.44 -7.16 -0.80
N HIS B 133 -25.90 -8.38 -0.82
CA HIS B 133 -26.55 -9.50 -1.48
C HIS B 133 -26.90 -10.69 -0.56
N ALA B 134 -26.66 -10.52 0.74
CA ALA B 134 -26.90 -11.60 1.69
C ALA B 134 -28.34 -12.03 1.76
N LYS B 135 -29.29 -11.10 1.68
CA LYS B 135 -30.69 -11.47 1.77
CA LYS B 135 -30.70 -11.45 1.76
C LYS B 135 -31.13 -12.20 0.51
N GLU B 136 -30.65 -11.76 -0.65
CA GLU B 136 -31.01 -12.34 -1.93
C GLU B 136 -30.59 -13.81 -2.04
N TYR B 137 -29.37 -14.11 -1.58
CA TYR B 137 -28.77 -15.42 -1.81
C TYR B 137 -28.90 -16.31 -0.61
N GLY B 138 -29.21 -15.71 0.53
CA GLY B 138 -29.43 -16.43 1.79
C GLY B 138 -28.24 -16.95 2.62
N TYR B 139 -27.09 -16.31 2.43
CA TYR B 139 -25.92 -16.63 3.28
C TYR B 139 -25.81 -15.65 4.44
N THR B 140 -24.88 -15.96 5.34
CA THR B 140 -24.55 -15.05 6.43
CA THR B 140 -24.52 -15.02 6.41
C THR B 140 -23.08 -14.64 6.30
N VAL B 141 -22.82 -13.38 6.60
CA VAL B 141 -21.49 -12.83 6.48
C VAL B 141 -20.76 -12.82 7.85
N LYS B 142 -19.54 -13.33 7.87
N LYS B 142 -19.52 -13.30 7.82
CA LYS B 142 -18.69 -13.28 9.06
CA LYS B 142 -18.64 -13.35 8.96
C LYS B 142 -17.51 -12.41 8.70
C LYS B 142 -17.49 -12.39 8.66
N THR B 143 -17.23 -11.41 9.53
CA THR B 143 -16.18 -10.41 9.21
C THR B 143 -14.85 -10.74 9.89
N PHE B 144 -13.75 -10.34 9.23
CA PHE B 144 -12.40 -10.58 9.70
C PHE B 144 -11.61 -9.27 9.69
N THR B 145 -10.69 -9.12 10.65
CA THR B 145 -9.92 -7.89 10.74
C THR B 145 -8.68 -7.92 9.86
N ASP B 146 -8.27 -9.11 9.42
CA ASP B 146 -7.09 -9.25 8.57
C ASP B 146 -7.23 -10.43 7.62
N ALA B 147 -6.25 -10.62 6.75
CA ALA B 147 -6.33 -11.66 5.74
C ALA B 147 -6.02 -13.03 6.32
N THR B 148 -5.02 -13.08 7.19
CA THR B 148 -4.56 -14.36 7.71
C THR B 148 -5.67 -15.12 8.44
N THR B 149 -6.43 -14.39 9.26
CA THR B 149 -7.46 -15.05 10.06
C THR B 149 -8.57 -15.55 9.17
N MET B 150 -8.86 -14.79 8.11
CA MET B 150 -9.92 -15.17 7.18
C MET B 150 -9.56 -16.46 6.44
N TYR B 151 -8.35 -16.52 5.88
CA TYR B 151 -7.95 -17.71 5.14
C TYR B 151 -7.74 -18.89 6.09
N SER B 152 -7.30 -18.64 7.32
CA SER B 152 -7.22 -19.73 8.30
C SER B 152 -8.61 -20.32 8.57
N SER B 153 -9.63 -19.46 8.59
N SER B 153 -9.61 -19.43 8.59
CA SER B 153 -10.96 -19.96 8.89
CA SER B 153 -10.98 -19.82 8.87
C SER B 153 -11.49 -20.79 7.76
C SER B 153 -11.51 -20.72 7.77
N LEU B 154 -11.17 -20.41 6.52
CA LEU B 154 -11.59 -21.23 5.40
C LEU B 154 -10.87 -22.59 5.48
N ASN B 155 -9.58 -22.58 5.82
CA ASN B 155 -8.85 -23.83 5.92
C ASN B 155 -9.24 -24.71 7.11
N ASN B 156 -9.71 -24.11 8.20
CA ASN B 156 -10.08 -24.91 9.35
C ASN B 156 -11.59 -25.23 9.41
N GLY B 157 -12.35 -24.73 8.42
CA GLY B 157 -13.77 -25.05 8.31
C GLY B 157 -14.73 -24.20 9.09
N SER B 158 -14.25 -23.07 9.61
CA SER B 158 -15.13 -22.19 10.38
CA SER B 158 -15.07 -22.15 10.39
C SER B 158 -15.86 -21.17 9.51
N ILE B 159 -15.51 -21.12 8.22
CA ILE B 159 -16.37 -20.51 7.20
C ILE B 159 -16.42 -21.48 6.03
N ASN B 160 -17.53 -21.43 5.29
CA ASN B 160 -17.69 -22.32 4.14
C ASN B 160 -17.02 -21.73 2.89
N ALA B 161 -16.93 -20.40 2.86
CA ALA B 161 -16.42 -19.69 1.70
C ALA B 161 -16.06 -18.28 2.09
N LEU B 162 -15.39 -17.57 1.19
CA LEU B 162 -15.02 -16.18 1.45
C LEU B 162 -15.05 -15.44 0.16
N MET B 163 -15.10 -14.11 0.24
CA MET B 163 -14.95 -13.29 -0.96
C MET B 163 -13.74 -12.38 -0.79
N ASP B 164 -12.95 -12.28 -1.85
CA ASP B 164 -11.74 -11.44 -1.83
C ASP B 164 -11.46 -11.03 -3.27
N ASP B 165 -10.51 -10.12 -3.45
CA ASP B 165 -9.99 -9.80 -4.77
C ASP B 165 -9.45 -11.09 -5.42
N GLU B 166 -9.88 -11.36 -6.63
CA GLU B 166 -9.62 -12.61 -7.34
CA GLU B 166 -9.62 -12.63 -7.28
C GLU B 166 -8.14 -13.00 -7.39
N PRO B 167 -7.24 -12.02 -7.67
CA PRO B 167 -5.82 -12.41 -7.76
C PRO B 167 -5.25 -12.97 -6.47
N VAL B 168 -5.73 -12.50 -5.31
CA VAL B 168 -5.23 -13.02 -4.07
C VAL B 168 -5.57 -14.50 -3.93
N ILE B 169 -6.81 -14.84 -4.28
CA ILE B 169 -7.28 -16.23 -4.19
C ILE B 169 -6.55 -17.11 -5.19
N LYS B 170 -6.47 -16.64 -6.44
CA LYS B 170 -5.88 -17.48 -7.49
C LYS B 170 -4.37 -17.67 -7.31
N TYR B 171 -3.72 -16.67 -6.71
CA TYR B 171 -2.34 -16.83 -6.28
C TYR B 171 -2.16 -17.82 -5.13
N ALA B 172 -3.04 -17.79 -4.12
CA ALA B 172 -2.96 -18.75 -3.02
C ALA B 172 -3.08 -20.18 -3.58
N ILE B 173 -3.96 -20.35 -4.57
CA ILE B 173 -4.14 -21.66 -5.20
C ILE B 173 -2.82 -22.07 -5.89
N LYS B 174 -2.25 -21.14 -6.63
CA LYS B 174 -0.99 -21.40 -7.31
C LYS B 174 0.13 -21.74 -6.32
N GLN B 175 0.04 -21.21 -5.10
CA GLN B 175 1.03 -21.49 -4.08
C GLN B 175 0.87 -22.86 -3.46
N GLY B 176 -0.31 -23.46 -3.58
CA GLY B 176 -0.57 -24.79 -3.03
C GLY B 176 -1.78 -24.89 -2.13
N GLN B 177 -2.58 -23.84 -2.01
CA GLN B 177 -3.76 -23.94 -1.15
C GLN B 177 -4.84 -24.75 -1.80
N LYS B 178 -5.60 -25.48 -0.99
CA LYS B 178 -6.72 -26.27 -1.46
C LYS B 178 -7.97 -25.41 -1.48
N PHE B 179 -7.97 -24.43 -2.38
CA PHE B 179 -9.14 -23.59 -2.64
C PHE B 179 -9.60 -23.78 -4.09
N ALA B 180 -10.85 -23.43 -4.37
CA ALA B 180 -11.40 -23.37 -5.72
C ALA B 180 -12.22 -22.09 -5.90
N THR B 181 -12.56 -21.76 -7.14
CA THR B 181 -13.40 -20.59 -7.42
C THR B 181 -14.52 -21.07 -8.32
N PRO B 182 -15.51 -21.73 -7.73
CA PRO B 182 -16.46 -22.47 -8.57
C PRO B 182 -17.57 -21.64 -9.17
N ILE B 183 -17.75 -20.39 -8.77
CA ILE B 183 -18.92 -19.64 -9.21
C ILE B 183 -18.55 -18.31 -9.84
N LYS B 184 -19.55 -17.67 -10.42
CA LYS B 184 -19.35 -16.50 -11.26
C LYS B 184 -18.70 -15.37 -10.47
N PRO B 185 -17.66 -14.75 -11.03
CA PRO B 185 -17.03 -13.63 -10.32
C PRO B 185 -17.81 -12.33 -10.53
N ILE B 186 -17.51 -11.31 -9.75
CA ILE B 186 -18.16 -10.01 -9.85
C ILE B 186 -17.15 -9.02 -10.43
N PRO B 187 -17.36 -8.54 -11.65
CA PRO B 187 -16.43 -7.55 -12.21
C PRO B 187 -16.29 -6.33 -11.32
N ASP B 188 -15.05 -5.82 -11.18
CA ASP B 188 -14.76 -4.72 -10.27
C ASP B 188 -13.68 -3.81 -10.84
N GLY B 189 -13.73 -3.56 -12.14
CA GLY B 189 -12.81 -2.62 -12.73
C GLY B 189 -11.59 -3.26 -13.36
N GLN B 190 -10.53 -2.46 -13.47
CA GLN B 190 -9.35 -2.84 -14.26
CA GLN B 190 -9.35 -2.88 -14.23
C GLN B 190 -8.06 -2.33 -13.61
N TYR B 191 -6.97 -3.02 -13.89
CA TYR B 191 -5.65 -2.58 -13.48
CA TYR B 191 -5.66 -2.51 -13.51
C TYR B 191 -4.97 -1.87 -14.67
N GLY B 192 -4.22 -0.81 -14.35
CA GLY B 192 -3.53 -0.03 -15.36
C GLY B 192 -2.14 0.42 -14.99
N PHE B 193 -1.34 0.57 -16.02
CA PHE B 193 -0.04 1.20 -15.99
C PHE B 193 -0.22 2.70 -16.16
N ALA B 194 0.41 3.49 -15.29
CA ALA B 194 0.17 4.93 -15.28
C ALA B 194 1.43 5.76 -15.48
N VAL B 195 1.26 6.90 -16.14
CA VAL B 195 2.26 7.97 -16.11
C VAL B 195 1.57 9.22 -15.58
N LYS B 196 2.35 10.21 -15.16
CA LYS B 196 1.76 11.47 -14.73
C LYS B 196 0.97 12.02 -15.91
N LYS B 197 -0.20 12.58 -15.63
CA LYS B 197 -1.03 13.13 -16.68
C LYS B 197 -0.23 14.16 -17.46
N GLY B 198 -0.15 13.98 -18.78
CA GLY B 198 0.55 14.90 -19.65
C GLY B 198 2.03 14.59 -19.87
N SER B 199 2.54 13.55 -19.23
CA SER B 199 3.96 13.21 -19.31
CA SER B 199 3.96 13.21 -19.28
C SER B 199 4.23 11.90 -20.05
N ASN B 200 5.47 11.75 -20.48
CA ASN B 200 5.99 10.54 -21.12
C ASN B 200 5.01 9.79 -22.01
N PRO B 201 4.45 10.47 -23.02
CA PRO B 201 3.41 9.81 -23.82
C PRO B 201 3.94 8.60 -24.58
N GLU B 202 5.22 8.58 -24.91
CA GLU B 202 5.77 7.47 -25.68
C GLU B 202 5.86 6.22 -24.82
N LEU B 203 5.91 6.40 -23.50
CA LEU B 203 5.98 5.28 -22.60
C LEU B 203 4.62 4.57 -22.56
N ILE B 204 3.55 5.36 -22.69
CA ILE B 204 2.22 4.78 -22.85
C ILE B 204 2.11 4.10 -24.20
N GLU B 205 2.69 4.68 -25.24
CA GLU B 205 2.67 4.01 -26.54
C GLU B 205 3.40 2.68 -26.50
N MET B 206 4.60 2.67 -25.90
CA MET B 206 5.36 1.44 -25.67
C MET B 206 4.45 0.42 -25.02
N PHE B 207 3.86 0.83 -23.91
CA PHE B 207 3.07 -0.07 -23.11
C PHE B 207 1.99 -0.71 -23.95
N ASN B 208 1.25 0.11 -24.70
CA ASN B 208 0.07 -0.38 -25.40
C ASN B 208 0.51 -1.30 -26.54
N ASN B 209 1.55 -0.88 -27.24
CA ASN B 209 2.04 -1.70 -28.36
C ASN B 209 2.64 -3.02 -27.90
N GLY B 210 3.45 -2.95 -26.86
CA GLY B 210 4.06 -4.14 -26.29
C GLY B 210 3.01 -5.09 -25.73
N LEU B 211 2.08 -4.55 -24.96
CA LEU B 211 0.99 -5.37 -24.44
C LEU B 211 0.22 -6.10 -25.56
N ALA B 212 -0.12 -5.39 -26.64
CA ALA B 212 -0.86 -6.00 -27.73
C ALA B 212 -0.07 -7.16 -28.33
N ASN B 213 1.24 -6.98 -28.46
CA ASN B 213 2.08 -8.03 -29.03
C ASN B 213 2.14 -9.25 -28.12
N LEU B 214 2.22 -9.01 -26.81
CA LEU B 214 2.29 -10.12 -25.88
C LEU B 214 1.01 -10.89 -25.76
N ARG B 215 -0.12 -10.18 -25.91
CA ARG B 215 -1.42 -10.85 -25.98
C ARG B 215 -1.49 -11.76 -27.21
N ALA B 216 -0.97 -11.28 -28.32
CA ALA B 216 -1.05 -12.02 -29.58
C ALA B 216 -0.05 -13.16 -29.63
N ASN B 217 1.10 -13.01 -28.97
CA ASN B 217 2.15 -14.01 -29.09
C ASN B 217 2.19 -15.05 -27.99
N GLY B 218 1.24 -14.97 -27.07
CA GLY B 218 1.09 -15.96 -26.00
C GLY B 218 1.85 -15.68 -24.70
N GLU B 219 2.74 -14.70 -24.72
CA GLU B 219 3.54 -14.45 -23.53
C GLU B 219 2.68 -13.85 -22.42
N TYR B 220 1.70 -13.05 -22.79
CA TYR B 220 0.81 -12.44 -21.80
C TYR B 220 0.15 -13.56 -20.97
N ASP B 221 -0.45 -14.53 -21.63
CA ASP B 221 -1.09 -15.60 -20.88
C ASP B 221 -0.10 -16.44 -20.09
N LYS B 222 1.11 -16.64 -20.62
CA LYS B 222 2.12 -17.40 -19.89
C LYS B 222 2.50 -16.72 -18.59
N ILE B 223 2.61 -15.40 -18.62
CA ILE B 223 3.00 -14.65 -17.42
C ILE B 223 1.88 -14.73 -16.38
N ILE B 224 0.64 -14.52 -16.80
CA ILE B 224 -0.46 -14.53 -15.84
C ILE B 224 -0.59 -15.93 -15.22
N ASP B 225 -0.50 -16.93 -16.09
CA ASP B 225 -0.60 -18.34 -15.71
CA ASP B 225 -0.63 -18.33 -15.65
C ASP B 225 0.46 -18.76 -14.67
N LYS B 226 1.62 -18.12 -14.73
CA LYS B 226 2.68 -18.40 -13.79
C LYS B 226 2.25 -18.11 -12.36
N TYR B 227 1.36 -17.12 -12.19
CA TYR B 227 1.03 -16.63 -10.87
C TYR B 227 -0.39 -16.92 -10.45
N LEU B 228 -1.29 -17.07 -11.41
CA LEU B 228 -2.71 -17.27 -11.09
C LEU B 228 -3.19 -18.60 -11.61
N GLU B 229 -3.88 -19.36 -10.76
CA GLU B 229 -4.58 -20.56 -11.23
C GLU B 229 -5.40 -20.18 -12.45
N SER B 230 -5.08 -20.82 -13.56
CA SER B 230 -5.71 -20.54 -14.82
C SER B 230 -6.81 -21.52 -14.94
N ASP B 231 -7.82 -21.13 -15.68
CA ASP B 231 -8.91 -22.03 -15.96
C ASP B 231 -8.46 -22.95 -17.08
N ALA B 232 -8.02 -22.33 -18.18
CA ALA B 232 -7.75 -23.00 -19.45
C ALA B 232 -8.76 -24.11 -19.69
MG MG C . 0.66 -2.36 1.25
CL CL D . -3.21 8.63 -3.39
C1 PEG E . -16.98 22.70 4.26
O1 PEG E . -17.59 23.16 5.47
C2 PEG E . -15.46 22.77 4.41
O2 PEG E . -14.85 22.70 3.12
C3 PEG E . -13.47 23.00 3.17
C4 PEG E . -12.85 22.81 1.79
O4 PEG E . -11.56 22.22 1.92
C1 PEG F . -11.48 21.80 4.82
O1 PEG F . -12.58 21.62 5.71
C2 PEG F . -10.52 20.62 4.95
O2 PEG F . -9.22 21.02 4.51
C3 PEG F . -9.02 20.74 3.13
C4 PEG F . -7.53 20.64 2.84
O4 PEG F . -7.29 19.56 1.93
O1 P6G G . 11.94 -6.41 17.92
C2 P6G G . 12.32 -7.17 16.76
C3 P6G G . 12.42 -6.25 15.55
O4 P6G G . 12.89 -6.98 14.43
C5 P6G G . 14.33 -7.00 14.37
C6 P6G G . 14.78 -6.46 13.02
O7 P6G G . 15.49 -5.24 13.21
C8 P6G G . 14.66 -4.11 12.96
C9 P6G G . 15.50 -2.99 12.35
O10 P6G G . 14.66 -2.11 11.61
C11 P6G G . 14.05 -2.78 10.51
C12 P6G G . 13.26 -1.78 9.67
O13 P6G G . 11.94 -2.27 9.46
C14 P6G G . 11.95 -3.47 8.70
C15 P6G G . 10.56 -4.10 8.75
O16 P6G G . 10.64 -5.38 9.37
C17 P6G G . 9.47 -5.68 10.13
C18 P6G G . 9.32 -7.18 10.27
O19 P6G G . 9.94 -7.83 9.16
MG MG H . -10.29 -2.62 -4.84
CL CL I . 1.47 2.33 0.68
CL CL J . 6.02 -3.01 -32.37
CL CL K . -4.37 6.86 -5.41
C5 PG0 L . 0.35 -25.73 2.73
O2 PG0 L . 0.53 -25.24 1.41
C4 PG0 L . 1.68 -24.41 1.30
C3 PG0 L . 1.43 -23.33 0.26
O1 PG0 L . 1.14 -22.09 0.91
C2 PG0 L . 0.34 -21.23 0.10
C1 PG0 L . -0.35 -20.20 0.98
OTT PG0 L . -0.84 -19.13 0.15
O1 PE4 M . 2.15 -13.27 5.98
C1 PE4 M . 2.28 -14.19 4.88
C2 PE4 M . 1.54 -13.62 3.67
O2 PE4 M . 0.14 -13.66 3.89
C3 PE4 M . -0.56 -12.71 3.09
C4 PE4 M . -2.05 -13.00 3.13
O3 PE4 M . -2.32 -14.25 2.51
C5 PE4 M . -3.69 -14.35 2.11
C6 PE4 M . -3.95 -15.75 1.54
O4 PE4 M . -3.54 -16.73 2.49
C7 PE4 M . -3.79 -18.05 2.02
C8 PE4 M . -3.25 -19.06 3.04
O5 PE4 M . -1.86 -18.84 3.23
C9 PE4 M . -1.36 -19.55 4.36
C10 PE4 M . 0.14 -19.33 4.49
O6 PE4 M . 0.76 -19.56 3.23
C11 PE4 M . 2.14 -19.16 3.25
C12 PE4 M . 3.01 -20.40 3.01
O7 PE4 M . 3.06 -20.69 1.62
O22 P33 N . -32.87 -19.66 -6.66
C21 P33 N . -32.15 -18.78 -5.79
C20 P33 N . -32.23 -17.36 -6.33
O19 P33 N . -31.41 -16.50 -5.55
C18 P33 N . -31.18 -15.24 -6.19
C17 P33 N . -30.40 -15.48 -7.47
O16 P33 N . -30.07 -14.23 -8.07
C15 P33 N . -29.48 -14.38 -9.36
C14 P33 N . -28.13 -15.05 -9.23
O13 P33 N . -27.63 -15.39 -10.52
C12 P33 N . -26.49 -14.61 -10.87
C11 P33 N . -25.35 -14.92 -9.90
O10 P33 N . -24.68 -13.70 -9.57
C9 P33 N . -23.46 -13.56 -10.30
C8 P33 N . -23.39 -12.18 -10.92
O7 P33 N . -22.32 -12.13 -11.86
C6 P33 N . -22.26 -10.88 -12.54
C5 P33 N . -23.06 -10.98 -13.84
O4 P33 N . -23.65 -9.72 -14.13
#